data_6N9T
#
_entry.id   6N9T
#
_cell.length_a   66.112
_cell.length_b   60.850
_cell.length_c   68.167
_cell.angle_alpha   90.00
_cell.angle_beta   103.13
_cell.angle_gamma   90.00
#
_symmetry.space_group_name_H-M   'P 1 21 1'
#
loop_
_entity.id
_entity.type
_entity.pdbx_description
1 polymer 'Immunoglobulin G1 FC'
2 polymer 'Photo-affinity peptide'
3 branched 2-acetamido-2-deoxy-beta-D-glucopyranose-(1-2)-alpha-D-mannopyranose-(1-6)-[alpha-D-mannopyranose-(1-3)]beta-D-mannopyranose-(1-4)-2-acetamido-2-deoxy-beta-D-glucopyranose-(1-4)-[beta-L-fucopyranose-(1-6)]2-acetamido-2-deoxy-beta-D-glucopyranose
4 branched 2-acetamido-2-deoxy-beta-D-glucopyranose-(1-2)-alpha-D-mannopyranose-(1-6)-[alpha-D-mannopyranose-(1-3)]beta-D-mannopyranose-(1-4)-2-acetamido-2-deoxy-beta-D-glucopyranose-(1-4)-[alpha-L-fucopyranose-(1-6)]2-acetamido-2-deoxy-beta-D-glucopyranose
5 water water
#
loop_
_entity_poly.entity_id
_entity_poly.type
_entity_poly.pdbx_seq_one_letter_code
_entity_poly.pdbx_strand_id
1 'polypeptide(L)'
;THTCPPCPAPELLGGPSVFLFPPKPKDTLMISRTPEVTCVVVDVSHEDPEVKFNWYVDGVEVHNAKTKPREEQYNSTYRV
VSVLTVLHQDWLNGKEYKCKVSNKALPAPIEKTISKAKGQPREPQVYTLPPSREEMTKNQVSLTCLVKGFYPSDIAVEWE
SNGQPENNYKTTPPVLDSDGSFFLYSKLTVDKSRWQQGNVFSCSVMHEALHNHYTQKSLSLSPG
;
A,B
2 'polypeptide(L)' DCAWHLGEL(PBF)WCT E,F
#
# COMPACT_ATOMS: atom_id res chain seq x y z
N GLY A 15 -30.91 5.40 3.91
CA GLY A 15 -30.87 6.80 4.27
C GLY A 15 -29.51 7.42 4.08
N PRO A 16 -29.29 8.59 4.67
CA PRO A 16 -27.99 9.24 4.53
C PRO A 16 -26.93 8.55 5.40
N SER A 17 -25.68 8.68 4.96
CA SER A 17 -24.55 8.06 5.63
C SER A 17 -23.59 9.12 6.13
N VAL A 18 -22.79 8.76 7.13
CA VAL A 18 -21.92 9.70 7.83
C VAL A 18 -20.50 9.17 7.78
N PHE A 19 -19.54 10.07 7.53
CA PHE A 19 -18.12 9.73 7.52
C PHE A 19 -17.35 10.82 8.23
N LEU A 20 -16.62 10.45 9.26
CA LEU A 20 -15.88 11.38 10.11
C LEU A 20 -14.39 11.21 9.86
N PHE A 21 -13.72 12.30 9.47
CA PHE A 21 -12.33 12.20 9.04
C PHE A 21 -11.39 12.91 10.01
N PRO A 22 -10.16 12.41 10.14
CA PRO A 22 -9.18 13.07 11.02
C PRO A 22 -8.52 14.24 10.31
N PRO A 23 -7.81 15.10 11.04
CA PRO A 23 -7.10 16.19 10.39
C PRO A 23 -5.91 15.66 9.59
N LYS A 24 -5.48 16.48 8.64
CA LYS A 24 -4.27 16.16 7.89
C LYS A 24 -3.10 16.06 8.86
N PRO A 25 -2.27 15.02 8.79
CA PRO A 25 -1.11 14.93 9.67
C PRO A 25 -0.21 16.16 9.63
N LYS A 26 -0.15 16.87 8.50
CA LYS A 26 0.69 18.06 8.42
C LYS A 26 0.10 19.21 9.23
N ASP A 27 -1.22 19.35 9.22
CA ASP A 27 -1.87 20.42 9.98
C ASP A 27 -1.77 20.22 11.48
N THR A 28 -1.50 18.98 11.93
CA THR A 28 -1.38 18.70 13.35
C THR A 28 0.03 18.86 13.87
N LEU A 29 1.05 18.68 13.02
CA LEU A 29 2.44 18.72 13.46
C LEU A 29 3.12 20.04 13.16
N MET A 30 2.58 20.84 12.25
CA MET A 30 3.14 22.13 11.91
C MET A 30 2.33 23.22 12.61
N ILE A 31 2.98 23.96 13.50
CA ILE A 31 2.26 24.89 14.37
C ILE A 31 1.67 26.07 13.59
N SER A 32 2.15 26.34 12.38
CA SER A 32 1.59 27.42 11.57
C SER A 32 0.24 27.06 10.97
N ARG A 33 -0.07 25.77 10.83
CA ARG A 33 -1.29 25.33 10.18
C ARG A 33 -2.39 25.06 11.20
N THR A 34 -3.59 24.83 10.70
CA THR A 34 -4.77 24.63 11.54
C THR A 34 -5.39 23.27 11.28
N PRO A 35 -5.39 22.35 12.26
CA PRO A 35 -6.00 21.04 12.03
C PRO A 35 -7.50 21.06 12.31
N GLU A 36 -8.25 20.33 11.49
CA GLU A 36 -9.70 20.28 11.62
C GLU A 36 -10.21 18.87 11.35
N VAL A 37 -11.21 18.47 12.12
CA VAL A 37 -11.92 17.21 11.95
C VAL A 37 -13.16 17.47 11.11
N THR A 38 -13.40 16.59 10.14
CA THR A 38 -14.43 16.80 9.11
C THR A 38 -15.49 15.71 9.22
N CYS A 39 -16.75 16.12 9.34
CA CYS A 39 -17.88 15.20 9.45
C CYS A 39 -18.70 15.33 8.16
N VAL A 40 -18.57 14.36 7.27
CA VAL A 40 -19.21 14.38 5.96
C VAL A 40 -20.48 13.54 6.03
N VAL A 41 -21.60 14.13 5.57
CA VAL A 41 -22.87 13.44 5.47
C VAL A 41 -23.22 13.33 4.00
N VAL A 42 -23.36 12.11 3.51
CA VAL A 42 -23.70 11.87 2.12
C VAL A 42 -25.13 11.33 2.05
N ASP A 43 -25.64 11.20 0.83
CA ASP A 43 -26.99 10.67 0.57
C ASP A 43 -28.06 11.49 1.29
N VAL A 44 -27.84 12.80 1.36
CA VAL A 44 -28.83 13.71 1.91
C VAL A 44 -29.91 13.94 0.85
N SER A 45 -31.16 13.75 1.24
CA SER A 45 -32.26 13.88 0.30
C SER A 45 -32.60 15.35 0.06
N HIS A 46 -33.24 15.61 -1.09
CA HIS A 46 -33.71 16.95 -1.39
C HIS A 46 -34.95 17.33 -0.59
N GLU A 47 -35.74 16.34 -0.16
CA GLU A 47 -36.96 16.65 0.58
C GLU A 47 -36.68 16.91 2.05
N ASP A 48 -35.58 16.38 2.59
CA ASP A 48 -35.17 16.60 3.97
C ASP A 48 -33.68 16.89 4.02
N PRO A 49 -33.26 18.05 3.51
CA PRO A 49 -31.83 18.38 3.49
C PRO A 49 -31.30 18.93 4.81
N GLU A 50 -32.14 19.15 5.81
CA GLU A 50 -31.67 19.69 7.08
C GLU A 50 -30.88 18.64 7.84
N VAL A 51 -29.73 19.04 8.37
CA VAL A 51 -28.81 18.14 9.07
C VAL A 51 -28.43 18.82 10.38
N LYS A 52 -28.87 18.26 11.50
CA LYS A 52 -28.46 18.76 12.80
C LYS A 52 -27.10 18.15 13.18
N PHE A 53 -26.20 19.00 13.68
CA PHE A 53 -24.86 18.58 14.06
C PHE A 53 -24.67 18.81 15.56
N ASN A 54 -24.23 17.77 16.26
CA ASN A 54 -23.80 17.88 17.65
C ASN A 54 -22.37 17.39 17.74
N TRP A 55 -21.48 18.25 18.21
CA TRP A 55 -20.06 17.93 18.36
C TRP A 55 -19.71 17.75 19.82
N TYR A 56 -18.92 16.72 20.11
CA TYR A 56 -18.48 16.43 21.47
C TYR A 56 -16.98 16.19 21.45
N VAL A 57 -16.27 16.81 22.39
CA VAL A 57 -14.85 16.59 22.59
C VAL A 57 -14.69 15.94 23.96
N ASP A 58 -14.29 14.67 23.97
CA ASP A 58 -14.20 13.88 25.21
C ASP A 58 -15.54 13.90 25.95
N GLY A 59 -16.63 13.75 25.21
CA GLY A 59 -17.95 13.75 25.79
C GLY A 59 -18.55 15.11 26.05
N VAL A 60 -17.75 16.17 26.03
CA VAL A 60 -18.23 17.53 26.30
C VAL A 60 -18.63 18.18 24.99
N GLU A 61 -19.86 18.66 24.92
CA GLU A 61 -20.34 19.29 23.69
C GLU A 61 -19.66 20.62 23.45
N VAL A 62 -19.26 20.85 22.21
CA VAL A 62 -18.66 22.12 21.79
C VAL A 62 -19.54 22.72 20.70
N HIS A 63 -19.39 24.04 20.50
CA HIS A 63 -20.29 24.77 19.63
C HIS A 63 -19.57 25.65 18.61
N ASN A 64 -18.27 25.44 18.40
CA ASN A 64 -17.50 26.26 17.48
C ASN A 64 -17.31 25.61 16.11
N ALA A 65 -18.18 24.68 15.74
CA ALA A 65 -18.09 24.05 14.42
C ALA A 65 -18.83 24.89 13.40
N LYS A 66 -18.28 24.94 12.18
CA LYS A 66 -18.90 25.64 11.06
C LYS A 66 -19.36 24.63 10.02
N THR A 67 -20.43 24.97 9.32
CA THR A 67 -20.99 24.10 8.28
C THR A 67 -20.52 24.58 6.92
N LYS A 68 -19.90 23.68 6.16
CA LYS A 68 -19.47 23.99 4.81
C LYS A 68 -20.68 24.21 3.90
N PRO A 69 -20.50 24.91 2.78
CA PRO A 69 -21.64 25.13 1.88
C PRO A 69 -22.17 23.83 1.32
N ARG A 70 -23.50 23.72 1.30
CA ARG A 70 -24.16 22.53 0.77
C ARG A 70 -23.82 22.35 -0.70
N GLU A 71 -23.55 21.10 -1.09
CA GLU A 71 -23.10 20.77 -2.43
C GLU A 71 -24.06 19.77 -3.07
N GLU A 72 -24.71 20.18 -4.16
CA GLU A 72 -25.48 19.25 -4.97
C GLU A 72 -24.55 18.30 -5.71
N GLN A 73 -24.80 17.01 -5.59
CA GLN A 73 -23.92 15.98 -6.14
C GLN A 73 -24.33 15.49 -7.52
N TYR A 74 -25.39 16.05 -8.10
CA TYR A 74 -25.86 15.67 -9.44
C TYR A 74 -26.09 14.18 -9.56
N ASN A 75 -26.37 13.52 -8.44
CA ASN A 75 -26.86 12.14 -8.44
C ASN A 75 -28.12 12.02 -7.59
N SER A 76 -28.86 13.12 -7.43
CA SER A 76 -30.13 13.27 -6.69
C SER A 76 -29.94 13.45 -5.19
N THR A 77 -28.71 13.62 -4.71
CA THR A 77 -28.46 13.74 -3.28
C THR A 77 -27.66 15.01 -2.98
N TYR A 78 -27.68 15.41 -1.72
CA TYR A 78 -26.87 16.51 -1.24
C TYR A 78 -25.69 15.98 -0.44
N ARG A 79 -24.61 16.76 -0.41
CA ARG A 79 -23.44 16.48 0.41
C ARG A 79 -23.33 17.60 1.44
N VAL A 80 -23.53 17.27 2.71
CA VAL A 80 -23.51 18.24 3.81
C VAL A 80 -22.32 17.90 4.71
N VAL A 81 -21.51 18.92 5.01
CA VAL A 81 -20.24 18.73 5.68
C VAL A 81 -20.14 19.74 6.82
N SER A 82 -19.72 19.26 8.00
CA SER A 82 -19.40 20.12 9.13
C SER A 82 -17.94 19.98 9.49
N VAL A 83 -17.31 21.09 9.88
CA VAL A 83 -15.88 21.12 10.18
C VAL A 83 -15.68 21.72 11.57
N LEU A 84 -14.91 21.04 12.40
CA LEU A 84 -14.56 21.51 13.74
C LEU A 84 -13.05 21.69 13.83
N THR A 85 -12.61 22.93 14.00
CA THR A 85 -11.21 23.19 14.28
C THR A 85 -10.81 22.53 15.60
N VAL A 86 -9.67 21.86 15.61
CA VAL A 86 -9.15 21.26 16.82
C VAL A 86 -7.83 21.92 17.17
N LEU A 87 -7.47 21.83 18.45
CA LEU A 87 -6.17 22.27 18.90
C LEU A 87 -5.12 21.21 18.56
N HIS A 88 -3.88 21.66 18.35
CA HIS A 88 -2.81 20.72 17.99
C HIS A 88 -2.56 19.74 19.11
N GLN A 89 -2.32 20.23 20.33
CA GLN A 89 -2.05 19.34 21.44
C GLN A 89 -3.26 18.51 21.82
N ASP A 90 -4.47 19.04 21.59
CA ASP A 90 -5.68 18.28 21.89
C ASP A 90 -5.73 17.00 21.06
N TRP A 91 -5.49 17.11 19.75
CA TRP A 91 -5.50 15.92 18.91
C TRP A 91 -4.32 15.01 19.24
N LEU A 92 -3.13 15.60 19.42
CA LEU A 92 -1.94 14.78 19.68
C LEU A 92 -2.03 14.07 21.02
N ASN A 93 -2.72 14.67 22.00
CA ASN A 93 -2.94 13.99 23.26
C ASN A 93 -4.11 13.02 23.22
N GLY A 94 -4.55 12.64 22.02
CA GLY A 94 -5.51 11.56 21.88
C GLY A 94 -6.91 11.83 22.40
N LYS A 95 -7.39 13.06 22.25
CA LYS A 95 -8.78 13.35 22.60
C LYS A 95 -9.71 12.83 21.51
N GLU A 96 -10.91 12.40 21.94
CA GLU A 96 -11.90 11.82 21.05
C GLU A 96 -12.91 12.88 20.63
N TYR A 97 -13.25 12.88 19.35
CA TYR A 97 -14.17 13.85 18.77
C TYR A 97 -15.38 13.11 18.21
N LYS A 98 -16.55 13.39 18.74
CA LYS A 98 -17.78 12.70 18.35
C LYS A 98 -18.64 13.65 17.51
N CYS A 99 -19.06 13.20 16.34
CA CYS A 99 -20.02 13.90 15.50
C CYS A 99 -21.33 13.12 15.53
N LYS A 100 -22.41 13.77 15.97
CA LYS A 100 -23.74 13.19 15.96
C LYS A 100 -24.56 13.87 14.88
N VAL A 101 -24.97 13.09 13.87
CA VAL A 101 -25.72 13.60 12.72
C VAL A 101 -27.19 13.26 12.91
N SER A 102 -28.05 14.24 12.70
CA SER A 102 -29.49 14.06 12.84
C SER A 102 -30.18 14.55 11.57
N ASN A 103 -31.10 13.75 11.05
CA ASN A 103 -31.83 14.09 9.84
C ASN A 103 -33.16 13.35 9.85
N LYS A 104 -34.19 13.98 9.30
CA LYS A 104 -35.52 13.38 9.33
C LYS A 104 -35.59 12.09 8.53
N ALA A 105 -34.63 11.82 7.66
CA ALA A 105 -34.55 10.52 7.02
C ALA A 105 -33.82 9.49 7.86
N LEU A 106 -33.37 9.85 9.05
CA LEU A 106 -32.72 8.90 9.95
C LEU A 106 -33.71 8.43 11.00
N PRO A 107 -33.91 7.13 11.19
CA PRO A 107 -34.75 6.68 12.30
C PRO A 107 -34.16 7.05 13.65
N ALA A 108 -32.83 7.06 13.76
CA ALA A 108 -32.11 7.47 14.95
C ALA A 108 -30.86 8.22 14.52
N PRO A 109 -30.34 9.12 15.36
CA PRO A 109 -29.12 9.84 14.98
C PRO A 109 -27.93 8.90 14.82
N ILE A 110 -27.01 9.28 13.93
CA ILE A 110 -25.78 8.54 13.69
C ILE A 110 -24.67 9.21 14.49
N GLU A 111 -23.93 8.41 15.27
CA GLU A 111 -22.83 8.90 16.08
C GLU A 111 -21.53 8.26 15.60
N LYS A 112 -20.57 9.09 15.20
CA LYS A 112 -19.23 8.65 14.85
C LYS A 112 -18.23 9.34 15.76
N THR A 113 -17.14 8.63 16.07
CA THR A 113 -16.12 9.13 16.98
C THR A 113 -14.76 8.71 16.48
N ILE A 114 -13.84 9.67 16.34
CA ILE A 114 -12.49 9.40 15.88
C ILE A 114 -11.50 10.10 16.79
N SER A 115 -10.24 9.65 16.70
CA SER A 115 -9.13 10.21 17.47
C SER A 115 -7.84 9.65 16.89
N LYS A 116 -6.73 10.20 17.36
CA LYS A 116 -5.43 9.71 16.93
C LYS A 116 -5.30 8.23 17.24
N ALA A 117 -4.56 7.52 16.39
CA ALA A 117 -4.31 6.10 16.61
C ALA A 117 -3.71 5.88 17.98
N LYS A 118 -4.34 5.01 18.77
CA LYS A 118 -3.85 4.72 20.10
C LYS A 118 -2.60 3.86 20.04
N GLY A 119 -1.74 4.02 21.04
CA GLY A 119 -0.46 3.31 21.06
C GLY A 119 0.64 4.31 21.32
N GLN A 120 1.70 3.85 21.98
CA GLN A 120 2.80 4.73 22.35
C GLN A 120 3.52 5.22 21.10
N PRO A 121 3.65 6.53 20.90
CA PRO A 121 4.39 7.02 19.73
C PRO A 121 5.86 6.63 19.81
N ARG A 122 6.39 6.19 18.67
CA ARG A 122 7.77 5.77 18.55
C ARG A 122 8.47 6.62 17.50
N GLU A 123 9.70 7.02 17.82
CA GLU A 123 10.43 7.97 16.97
C GLU A 123 10.96 7.27 15.74
N PRO A 124 10.80 7.85 14.54
CA PRO A 124 11.34 7.22 13.34
C PRO A 124 12.84 7.41 13.25
N GLN A 125 13.51 6.37 12.76
CA GLN A 125 14.94 6.42 12.45
C GLN A 125 15.06 6.63 10.94
N VAL A 126 15.79 7.67 10.55
CA VAL A 126 15.87 8.10 9.17
C VAL A 126 17.27 7.81 8.66
N TYR A 127 17.38 6.96 7.65
CA TYR A 127 18.65 6.60 7.04
C TYR A 127 18.60 6.85 5.55
N THR A 128 19.62 7.52 5.02
CA THR A 128 19.74 7.77 3.59
C THR A 128 20.66 6.72 2.97
N LEU A 129 20.19 6.08 1.92
CA LEU A 129 20.94 5.04 1.24
C LEU A 129 21.33 5.53 -0.14
N PRO A 130 22.61 5.56 -0.48
CA PRO A 130 23.03 6.05 -1.81
C PRO A 130 22.57 5.10 -2.91
N PRO A 131 22.59 5.54 -4.16
CA PRO A 131 22.25 4.63 -5.26
C PRO A 131 23.26 3.49 -5.38
N SER A 132 22.78 2.35 -5.84
CA SER A 132 23.64 1.20 -6.05
C SER A 132 24.66 1.48 -7.14
N ARG A 133 25.85 0.90 -6.99
CA ARG A 133 26.89 1.03 -8.00
C ARG A 133 26.46 0.43 -9.33
N GLU A 134 25.53 -0.51 -9.33
CA GLU A 134 25.02 -1.10 -10.56
C GLU A 134 24.03 -0.19 -11.28
N GLU A 135 23.56 0.87 -10.62
CA GLU A 135 22.62 1.79 -11.24
C GLU A 135 23.32 2.90 -12.01
N MET A 136 24.61 3.12 -11.78
CA MET A 136 25.32 4.25 -12.38
C MET A 136 25.48 4.09 -13.89
N THR A 137 24.96 3.00 -14.45
CA THR A 137 24.95 2.81 -15.89
C THR A 137 23.69 3.36 -16.55
N LYS A 138 22.74 3.87 -15.77
CA LYS A 138 21.49 4.41 -16.29
C LYS A 138 21.56 5.93 -16.38
N ASN A 139 20.53 6.51 -16.99
CA ASN A 139 20.46 7.96 -17.11
C ASN A 139 20.18 8.61 -15.75
N GLN A 140 19.32 7.98 -14.94
CA GLN A 140 18.90 8.55 -13.67
C GLN A 140 19.09 7.52 -12.56
N VAL A 141 19.68 7.95 -11.46
CA VAL A 141 19.94 7.07 -10.32
C VAL A 141 18.90 7.33 -9.25
N SER A 142 18.80 6.39 -8.31
CA SER A 142 17.75 6.41 -7.28
C SER A 142 18.37 6.70 -5.92
N LEU A 143 17.93 7.81 -5.31
CA LEU A 143 18.30 8.12 -3.94
C LEU A 143 17.24 7.56 -3.01
N THR A 144 17.67 6.85 -1.97
CA THR A 144 16.77 6.12 -1.09
C THR A 144 16.79 6.72 0.31
N CYS A 145 15.60 6.86 0.90
CA CYS A 145 15.45 7.27 2.29
C CYS A 145 14.64 6.22 3.02
N LEU A 146 15.26 5.58 4.01
CA LEU A 146 14.59 4.57 4.83
C LEU A 146 14.11 5.22 6.12
N VAL A 147 12.81 5.11 6.37
CA VAL A 147 12.18 5.63 7.59
C VAL A 147 11.52 4.44 8.26
N LYS A 148 12.08 4.00 9.38
CA LYS A 148 11.59 2.79 10.06
C LYS A 148 11.39 3.06 11.55
N GLY A 149 10.66 2.15 12.19
CA GLY A 149 10.49 2.18 13.62
C GLY A 149 9.59 3.27 14.15
N PHE A 150 8.69 3.81 13.33
CA PHE A 150 7.83 4.90 13.77
C PHE A 150 6.41 4.42 14.04
N TYR A 151 5.77 5.07 15.00
CA TYR A 151 4.38 4.87 15.34
C TYR A 151 3.86 6.20 15.88
N PRO A 152 2.65 6.63 15.48
CA PRO A 152 1.73 5.97 14.54
C PRO A 152 2.18 6.07 13.08
N SER A 153 1.35 5.58 12.16
CA SER A 153 1.75 5.54 10.76
C SER A 153 1.75 6.92 10.10
N ASP A 154 1.01 7.87 10.65
CA ASP A 154 0.89 9.19 10.03
C ASP A 154 2.25 9.87 9.93
N ILE A 155 2.62 10.25 8.71
CA ILE A 155 3.95 10.78 8.43
C ILE A 155 3.93 11.55 7.12
N ALA A 156 4.98 12.32 6.85
CA ALA A 156 5.14 13.03 5.60
C ALA A 156 6.62 13.12 5.27
N VAL A 157 6.97 12.81 4.03
CA VAL A 157 8.36 12.71 3.59
C VAL A 157 8.55 13.58 2.36
N GLU A 158 9.63 14.37 2.35
CA GLU A 158 9.92 15.23 1.21
C GLU A 158 11.43 15.32 1.01
N TRP A 159 11.82 15.68 -0.21
CA TRP A 159 13.21 15.83 -0.60
C TRP A 159 13.52 17.27 -0.99
N GLU A 160 14.77 17.66 -0.81
CA GLU A 160 15.21 18.98 -1.26
C GLU A 160 16.70 18.97 -1.53
N SER A 161 17.14 19.89 -2.38
CA SER A 161 18.54 20.04 -2.71
C SER A 161 18.92 21.51 -2.67
N ASN A 162 20.08 21.80 -2.08
CA ASN A 162 20.57 23.15 -1.82
C ASN A 162 19.44 24.11 -1.48
N GLY A 163 18.56 23.72 -0.56
CA GLY A 163 17.46 24.55 -0.14
C GLY A 163 16.30 24.65 -1.10
N GLN A 164 16.31 23.86 -2.19
CA GLN A 164 15.22 23.94 -3.14
C GLN A 164 14.48 22.60 -3.21
N PRO A 165 13.15 22.61 -3.23
CA PRO A 165 12.40 21.34 -3.20
C PRO A 165 12.66 20.48 -4.42
N GLU A 166 12.57 19.17 -4.22
CA GLU A 166 12.76 18.17 -5.26
C GLU A 166 11.44 17.46 -5.50
N ASN A 167 10.93 17.54 -6.73
CA ASN A 167 9.61 17.01 -7.04
C ASN A 167 9.62 15.55 -7.46
N ASN A 168 10.67 15.11 -8.15
CA ASN A 168 10.68 13.81 -8.83
C ASN A 168 11.02 12.69 -7.84
N TYR A 169 10.04 12.36 -7.01
CA TYR A 169 10.22 11.29 -6.04
C TYR A 169 8.88 10.61 -5.77
N LYS A 170 8.97 9.35 -5.32
CA LYS A 170 7.81 8.56 -4.91
C LYS A 170 8.07 7.96 -3.53
N THR A 171 7.01 7.82 -2.74
CA THR A 171 7.12 7.31 -1.39
C THR A 171 6.15 6.15 -1.20
N THR A 172 6.63 5.02 -0.71
CA THR A 172 5.76 3.89 -0.45
C THR A 172 4.83 4.22 0.71
N PRO A 173 3.66 3.60 0.75
CA PRO A 173 2.80 3.72 1.94
C PRO A 173 3.47 3.10 3.15
N PRO A 174 3.03 3.44 4.37
CA PRO A 174 3.62 2.83 5.55
C PRO A 174 3.31 1.34 5.61
N VAL A 175 4.30 0.57 6.05
CA VAL A 175 4.19 -0.88 6.13
C VAL A 175 4.39 -1.29 7.59
N LEU A 176 3.52 -2.15 8.09
CA LEU A 176 3.61 -2.58 9.48
C LEU A 176 4.77 -3.56 9.64
N ASP A 177 5.69 -3.23 10.54
CA ASP A 177 6.87 -4.06 10.77
C ASP A 177 6.57 -5.14 11.81
N SER A 178 7.53 -6.05 11.99
CA SER A 178 7.33 -7.19 12.89
C SER A 178 7.34 -6.78 14.35
N ASP A 179 7.85 -5.59 14.70
CA ASP A 179 7.89 -5.11 16.07
C ASP A 179 6.74 -4.18 16.39
N GLY A 180 5.71 -4.13 15.55
CA GLY A 180 4.56 -3.28 15.81
C GLY A 180 4.70 -1.84 15.37
N SER A 181 5.86 -1.45 14.85
CA SER A 181 6.04 -0.11 14.32
C SER A 181 5.86 -0.13 12.80
N PHE A 182 5.95 1.05 12.19
CA PHE A 182 5.82 1.20 10.74
C PHE A 182 7.15 1.59 10.13
N PHE A 183 7.32 1.23 8.85
CA PHE A 183 8.46 1.67 8.07
C PHE A 183 7.98 2.00 6.66
N LEU A 184 8.76 2.83 5.97
CA LEU A 184 8.50 3.14 4.57
C LEU A 184 9.81 3.45 3.89
N TYR A 185 9.73 3.59 2.56
CA TYR A 185 10.86 4.02 1.75
C TYR A 185 10.42 5.16 0.85
N SER A 186 11.30 6.13 0.65
CA SER A 186 11.10 7.19 -0.31
C SER A 186 12.23 7.13 -1.34
N LYS A 187 11.87 7.18 -2.61
CA LYS A 187 12.82 7.06 -3.71
C LYS A 187 12.83 8.37 -4.48
N LEU A 188 13.94 9.11 -4.39
CA LEU A 188 14.14 10.29 -5.20
C LEU A 188 14.93 9.90 -6.46
N THR A 189 14.43 10.30 -7.61
CA THR A 189 15.09 10.04 -8.89
C THR A 189 15.70 11.34 -9.40
N VAL A 190 17.01 11.31 -9.67
CA VAL A 190 17.74 12.46 -10.17
C VAL A 190 18.58 12.03 -11.36
N ASP A 191 18.86 12.99 -12.25
CA ASP A 191 19.79 12.74 -13.34
C ASP A 191 21.14 12.36 -12.76
N LYS A 192 21.72 11.28 -13.30
CA LYS A 192 22.98 10.75 -12.77
C LYS A 192 24.05 11.82 -12.66
N SER A 193 24.06 12.78 -13.61
CA SER A 193 25.05 13.84 -13.56
C SER A 193 24.94 14.63 -12.26
N ARG A 194 23.71 14.89 -11.80
CA ARG A 194 23.53 15.65 -10.57
C ARG A 194 24.17 14.93 -9.38
N TRP A 195 23.92 13.63 -9.27
CA TRP A 195 24.54 12.85 -8.19
C TRP A 195 26.05 12.83 -8.34
N GLN A 196 26.55 12.62 -9.56
CA GLN A 196 27.99 12.62 -9.78
C GLN A 196 28.59 14.01 -9.66
N GLN A 197 27.78 15.07 -9.82
CA GLN A 197 28.27 16.42 -9.56
C GLN A 197 28.71 16.57 -8.10
N GLY A 198 27.98 15.94 -7.19
CA GLY A 198 28.27 16.03 -5.78
C GLY A 198 27.27 16.85 -4.97
N ASN A 199 26.10 17.16 -5.55
CA ASN A 199 25.12 17.95 -4.83
C ASN A 199 24.58 17.19 -3.63
N VAL A 200 24.38 17.91 -2.54
CA VAL A 200 23.79 17.33 -1.34
C VAL A 200 22.29 17.25 -1.53
N PHE A 201 21.71 16.10 -1.17
CA PHE A 201 20.26 15.90 -1.19
C PHE A 201 19.79 15.57 0.21
N SER A 202 18.60 16.04 0.57
CA SER A 202 18.10 15.93 1.93
C SER A 202 16.75 15.23 1.94
N CYS A 203 16.60 14.27 2.84
CA CYS A 203 15.32 13.63 3.11
C CYS A 203 14.68 14.31 4.31
N SER A 204 13.51 14.90 4.11
CA SER A 204 12.82 15.67 5.14
C SER A 204 11.61 14.88 5.62
N VAL A 205 11.64 14.46 6.88
CA VAL A 205 10.61 13.60 7.45
C VAL A 205 9.90 14.36 8.57
N MET A 206 8.57 14.28 8.58
CA MET A 206 7.74 14.92 9.58
C MET A 206 6.95 13.85 10.33
N HIS A 207 7.02 13.87 11.65
CA HIS A 207 6.39 12.86 12.48
C HIS A 207 6.30 13.38 13.91
N GLU A 208 5.21 13.02 14.60
CA GLU A 208 4.96 13.58 15.92
C GLU A 208 6.01 13.19 16.94
N ALA A 209 6.59 12.00 16.82
CA ALA A 209 7.57 11.51 17.76
C ALA A 209 8.98 12.01 17.48
N LEU A 210 9.16 12.83 16.45
CA LEU A 210 10.44 13.48 16.23
C LEU A 210 10.49 14.79 17.00
N HIS A 211 11.69 15.13 17.45
CA HIS A 211 11.90 16.39 18.16
C HIS A 211 11.45 17.55 17.27
N ASN A 212 10.49 18.33 17.75
CA ASN A 212 9.88 19.42 17.00
C ASN A 212 9.22 18.93 15.71
N HIS A 213 8.85 17.64 15.67
CA HIS A 213 8.09 17.02 14.58
C HIS A 213 8.85 17.00 13.26
N TYR A 214 10.18 17.09 13.28
CA TYR A 214 10.90 17.26 12.03
C TYR A 214 12.32 16.74 12.17
N THR A 215 12.86 16.23 11.06
CA THR A 215 14.27 15.88 10.99
C THR A 215 14.69 15.87 9.53
N GLN A 216 15.99 16.09 9.31
CA GLN A 216 16.58 16.06 7.98
C GLN A 216 17.78 15.12 7.98
N LYS A 217 17.94 14.37 6.90
CA LYS A 217 19.11 13.54 6.70
C LYS A 217 19.67 13.84 5.32
N SER A 218 20.94 14.20 5.27
CA SER A 218 21.59 14.57 4.03
C SER A 218 22.11 13.33 3.31
N LEU A 219 22.47 13.51 2.03
CA LEU A 219 22.93 12.41 1.20
C LEU A 219 23.72 13.00 0.04
N SER A 220 24.96 12.53 -0.12
CA SER A 220 25.81 13.00 -1.20
C SER A 220 26.90 11.97 -1.45
N LEU A 221 27.60 12.13 -2.57
CA LEU A 221 28.65 11.20 -2.98
C LEU A 221 29.88 11.32 -2.09
N ASP B 1 14.89 23.09 20.75
CA ASP B 1 14.46 24.45 20.42
C ASP B 1 13.40 24.43 19.32
N CYS B 2 13.65 25.10 18.21
CA CYS B 2 12.70 25.19 17.11
C CYS B 2 13.23 24.47 15.87
N ALA B 3 12.30 23.97 15.06
CA ALA B 3 12.61 23.37 13.77
C ALA B 3 11.91 24.12 12.66
N TRP B 4 12.58 24.26 11.52
CA TRP B 4 12.05 24.97 10.35
C TRP B 4 12.22 24.12 9.11
N HIS B 5 11.19 24.09 8.27
CA HIS B 5 11.21 23.32 7.03
C HIS B 5 10.78 24.23 5.89
N LEU B 6 11.69 24.48 4.95
CA LEU B 6 11.45 25.36 3.81
C LEU B 6 11.01 26.76 4.24
N GLY B 7 11.22 27.11 5.51
CA GLY B 7 10.84 28.40 6.05
C GLY B 7 9.58 28.39 6.89
N GLU B 8 8.85 27.28 6.94
CA GLU B 8 7.63 27.21 7.73
C GLU B 8 7.96 26.76 9.15
N LEU B 9 7.52 27.56 10.13
CA LEU B 9 7.71 27.21 11.54
C LEU B 9 7.01 25.89 11.86
N TRP B 11 7.75 23.54 14.79
CA TRP B 11 7.44 23.33 16.19
C TRP B 11 8.57 23.88 17.05
N CYS B 12 8.28 24.11 18.33
CA CYS B 12 9.28 24.64 19.24
C CYS B 12 9.13 23.99 20.61
N THR B 13 10.26 23.66 21.24
CA THR B 13 10.27 23.14 22.59
C THR B 13 10.85 24.19 23.52
N GLY C 15 -29.58 -11.92 -3.23
CA GLY C 15 -28.92 -11.92 -4.52
C GLY C 15 -27.46 -12.28 -4.41
N PRO C 16 -27.05 -13.39 -5.02
CA PRO C 16 -25.65 -13.79 -4.96
C PRO C 16 -24.77 -12.84 -5.75
N SER C 17 -23.47 -12.92 -5.48
CA SER C 17 -22.49 -12.06 -6.12
C SER C 17 -21.29 -12.88 -6.55
N VAL C 18 -20.63 -12.43 -7.62
CA VAL C 18 -19.57 -13.18 -8.27
C VAL C 18 -18.27 -12.40 -8.19
N PHE C 19 -17.19 -13.11 -7.87
CA PHE C 19 -15.85 -12.55 -7.85
C PHE C 19 -14.91 -13.50 -8.55
N LEU C 20 -14.17 -13.00 -9.54
CA LEU C 20 -13.29 -13.79 -10.38
C LEU C 20 -11.85 -13.40 -10.07
N PHE C 21 -11.03 -14.39 -9.67
CA PHE C 21 -9.68 -14.10 -9.18
C PHE C 21 -8.60 -14.65 -10.09
N PRO C 22 -7.50 -13.91 -10.28
CA PRO C 22 -6.41 -14.40 -11.13
C PRO C 22 -5.59 -15.46 -10.43
N PRO C 23 -4.73 -16.17 -11.15
CA PRO C 23 -3.84 -17.14 -10.50
C PRO C 23 -2.78 -16.44 -9.66
N LYS C 24 -2.19 -17.21 -8.77
CA LYS C 24 -1.06 -16.70 -8.00
C LYS C 24 0.08 -16.36 -8.96
N PRO C 25 0.75 -15.22 -8.79
CA PRO C 25 1.94 -14.94 -9.60
C PRO C 25 2.96 -16.07 -9.58
N LYS C 26 3.13 -16.71 -8.42
CA LYS C 26 4.06 -17.85 -8.34
C LYS C 26 3.62 -18.99 -9.23
N ASP C 27 2.32 -19.30 -9.23
CA ASP C 27 1.81 -20.39 -10.05
C ASP C 27 1.95 -20.12 -11.54
N THR C 28 2.02 -18.86 -11.94
CA THR C 28 2.14 -18.50 -13.35
C THR C 28 3.57 -18.50 -13.85
N LEU C 29 4.53 -18.15 -13.01
CA LEU C 29 5.91 -17.96 -13.44
C LEU C 29 6.83 -19.13 -13.11
N MET C 30 6.41 -20.01 -12.20
CA MET C 30 7.19 -21.19 -11.84
C MET C 30 6.58 -22.38 -12.55
N ILE C 31 7.34 -22.98 -13.48
CA ILE C 31 6.80 -24.02 -14.35
C ILE C 31 6.42 -25.28 -13.58
N SER C 32 6.95 -25.46 -12.38
CA SER C 32 6.59 -26.62 -11.57
C SER C 32 5.18 -26.53 -10.99
N ARG C 33 4.59 -25.33 -10.98
CA ARG C 33 3.32 -25.12 -10.30
C ARG C 33 2.16 -25.14 -11.30
N THR C 34 0.95 -25.03 -10.76
CA THR C 34 -0.28 -25.11 -11.56
C THR C 34 -1.13 -23.87 -11.36
N PRO C 35 -1.15 -22.94 -12.31
CA PRO C 35 -1.96 -21.73 -12.15
C PRO C 35 -3.43 -22.00 -12.45
N GLU C 36 -4.31 -21.37 -11.67
CA GLU C 36 -5.75 -21.55 -11.83
C GLU C 36 -6.48 -20.25 -11.53
N VAL C 37 -7.52 -19.99 -12.31
CA VAL C 37 -8.43 -18.85 -12.12
C VAL C 37 -9.63 -19.33 -11.31
N THR C 38 -10.05 -18.51 -10.34
CA THR C 38 -11.06 -18.90 -9.37
C THR C 38 -12.28 -17.99 -9.49
N CYS C 39 -13.45 -18.60 -9.65
CA CYS C 39 -14.73 -17.89 -9.77
C CYS C 39 -15.56 -18.20 -8.52
N VAL C 40 -15.63 -17.23 -7.61
CA VAL C 40 -16.27 -17.41 -6.32
C VAL C 40 -17.68 -16.81 -6.38
N VAL C 41 -18.67 -17.61 -6.00
CA VAL C 41 -20.05 -17.16 -5.89
C VAL C 41 -20.40 -17.11 -4.40
N VAL C 42 -20.74 -15.92 -3.92
CA VAL C 42 -21.10 -15.73 -2.53
C VAL C 42 -22.60 -15.41 -2.45
N ASP C 43 -23.11 -15.41 -1.22
CA ASP C 43 -24.52 -15.14 -0.95
C ASP C 43 -25.44 -16.09 -1.71
N VAL C 44 -25.01 -17.35 -1.80
CA VAL C 44 -25.82 -18.40 -2.42
C VAL C 44 -26.84 -18.87 -1.39
N SER C 45 -28.12 -18.76 -1.72
CA SER C 45 -29.17 -19.09 -0.78
C SER C 45 -29.24 -20.60 -0.52
N HIS C 46 -29.68 -20.96 0.69
CA HIS C 46 -29.85 -22.36 1.00
C HIS C 46 -30.99 -23.00 0.21
N GLU C 47 -31.94 -22.20 -0.27
CA GLU C 47 -33.09 -22.77 -0.96
C GLU C 47 -32.80 -23.03 -2.43
N ASP C 48 -31.84 -22.31 -3.01
CA ASP C 48 -31.43 -22.48 -4.40
C ASP C 48 -29.91 -22.50 -4.49
N PRO C 49 -29.28 -23.54 -3.93
CA PRO C 49 -27.81 -23.60 -3.97
C PRO C 49 -27.25 -23.94 -5.34
N GLU C 50 -28.07 -24.41 -6.25
CA GLU C 50 -27.59 -24.86 -7.55
C GLU C 50 -27.05 -23.66 -8.34
N VAL C 51 -25.79 -23.76 -8.77
CA VAL C 51 -25.11 -22.70 -9.50
C VAL C 51 -24.53 -23.30 -10.77
N LYS C 52 -24.93 -22.76 -11.92
CA LYS C 52 -24.40 -23.21 -13.20
C LYS C 52 -23.21 -22.36 -13.58
N PHE C 53 -22.11 -23.01 -13.97
CA PHE C 53 -20.89 -22.35 -14.38
C PHE C 53 -20.67 -22.53 -15.87
N ASN C 54 -20.37 -21.43 -16.56
CA ASN C 54 -19.98 -21.45 -17.96
C ASN C 54 -18.64 -20.72 -18.07
N TRP C 55 -17.61 -21.44 -18.51
CA TRP C 55 -16.27 -20.89 -18.66
C TRP C 55 -15.94 -20.69 -20.13
N TYR C 56 -15.24 -19.59 -20.42
CA TYR C 56 -14.85 -19.24 -21.78
C TYR C 56 -13.40 -18.76 -21.75
N VAL C 57 -12.61 -19.23 -22.71
CA VAL C 57 -11.23 -18.79 -22.89
C VAL C 57 -11.16 -18.12 -24.25
N ASP C 58 -11.06 -16.78 -24.25
CA ASP C 58 -11.10 -15.99 -25.49
C ASP C 58 -12.40 -16.23 -26.24
N GLY C 59 -13.52 -16.26 -25.50
CA GLY C 59 -14.82 -16.44 -26.10
C GLY C 59 -15.16 -17.87 -26.49
N VAL C 60 -14.21 -18.80 -26.40
CA VAL C 60 -14.45 -20.20 -26.71
C VAL C 60 -14.73 -20.94 -25.41
N GLU C 61 -15.88 -21.59 -25.33
CA GLU C 61 -16.25 -22.28 -24.10
C GLU C 61 -15.37 -23.51 -23.90
N VAL C 62 -14.93 -23.70 -22.66
CA VAL C 62 -14.15 -24.86 -22.26
C VAL C 62 -14.96 -25.65 -21.22
N HIS C 63 -14.48 -26.86 -20.91
CA HIS C 63 -15.24 -27.76 -20.05
C HIS C 63 -14.40 -28.48 -19.01
N ASN C 64 -13.15 -28.05 -18.78
CA ASN C 64 -12.26 -28.70 -17.82
C ASN C 64 -12.30 -28.05 -16.44
N ALA C 65 -13.30 -27.23 -16.16
CA ALA C 65 -13.43 -26.62 -14.85
C ALA C 65 -14.01 -27.62 -13.85
N LYS C 66 -13.58 -27.49 -12.60
CA LYS C 66 -14.01 -28.37 -11.53
C LYS C 66 -14.54 -27.52 -10.37
N THR C 67 -15.62 -27.98 -9.75
CA THR C 67 -16.28 -27.23 -8.69
C THR C 67 -15.72 -27.66 -7.34
N LYS C 68 -15.23 -26.68 -6.57
CA LYS C 68 -14.80 -26.95 -5.22
C LYS C 68 -15.99 -27.35 -4.36
N PRO C 69 -15.75 -28.03 -3.24
CA PRO C 69 -16.86 -28.40 -2.36
C PRO C 69 -17.60 -27.17 -1.85
N ARG C 70 -18.93 -27.28 -1.82
CA ARG C 70 -19.77 -26.24 -1.24
C ARG C 70 -19.42 -26.04 0.23
N GLU C 71 -19.43 -24.78 0.68
CA GLU C 71 -19.03 -24.43 2.04
C GLU C 71 -20.11 -23.57 2.69
N GLU C 72 -20.60 -24.02 3.84
CA GLU C 72 -21.51 -23.22 4.63
C GLU C 72 -20.77 -22.04 5.26
N GLN C 73 -21.38 -20.86 5.21
CA GLN C 73 -20.77 -19.64 5.72
C GLN C 73 -21.31 -19.22 7.08
N TYR C 74 -22.30 -19.93 7.61
CA TYR C 74 -22.90 -19.65 8.91
C TYR C 74 -23.48 -18.24 8.99
N ASN C 75 -23.86 -17.67 7.85
CA ASN C 75 -24.58 -16.41 7.79
C ASN C 75 -25.74 -16.51 6.82
N SER C 76 -26.40 -17.67 6.81
CA SER C 76 -27.58 -18.00 6.01
C SER C 76 -27.30 -18.19 4.54
N THR C 77 -26.03 -18.21 4.12
CA THR C 77 -25.69 -18.27 2.71
C THR C 77 -24.69 -19.40 2.46
N TYR C 78 -24.55 -19.75 1.19
CA TYR C 78 -23.55 -20.70 0.74
C TYR C 78 -22.44 -19.97 -0.01
N ARG C 79 -21.29 -20.62 -0.09
CA ARG C 79 -20.17 -20.16 -0.90
C ARG C 79 -19.82 -21.28 -1.88
N VAL C 80 -20.06 -21.03 -3.17
CA VAL C 80 -19.78 -21.99 -4.23
C VAL C 80 -18.64 -21.44 -5.08
N VAL C 81 -17.70 -22.31 -5.45
CA VAL C 81 -16.46 -21.92 -6.10
C VAL C 81 -16.16 -22.89 -7.24
N SER C 82 -15.84 -22.34 -8.41
CA SER C 82 -15.38 -23.12 -9.55
C SER C 82 -13.97 -22.68 -9.92
N VAL C 83 -13.12 -23.67 -10.22
CA VAL C 83 -11.70 -23.42 -10.51
C VAL C 83 -11.40 -23.96 -11.91
N LEU C 84 -10.74 -23.13 -12.72
CA LEU C 84 -10.29 -23.52 -14.05
C LEU C 84 -8.77 -23.50 -14.08
N THR C 85 -8.17 -24.67 -14.33
CA THR C 85 -6.73 -24.73 -14.54
C THR C 85 -6.37 -24.05 -15.85
N VAL C 86 -5.45 -23.10 -15.78
CA VAL C 86 -4.99 -22.41 -16.98
C VAL C 86 -3.57 -22.85 -17.31
N LEU C 87 -3.21 -22.70 -18.57
CA LEU C 87 -1.83 -22.91 -18.99
C LEU C 87 -1.00 -21.67 -18.68
N HIS C 88 0.27 -21.91 -18.33
CA HIS C 88 1.17 -20.80 -18.01
C HIS C 88 1.27 -19.83 -19.19
N GLN C 89 1.55 -20.35 -20.38
CA GLN C 89 1.71 -19.50 -21.54
C GLN C 89 0.40 -18.82 -21.92
N ASP C 90 -0.74 -19.50 -21.73
CA ASP C 90 -2.03 -18.91 -22.04
C ASP C 90 -2.28 -17.65 -21.21
N TRP C 91 -2.11 -17.75 -19.89
CA TRP C 91 -2.34 -16.58 -19.05
C TRP C 91 -1.30 -15.49 -19.33
N LEU C 92 -0.04 -15.87 -19.52
CA LEU C 92 1.00 -14.87 -19.75
C LEU C 92 0.82 -14.18 -21.09
N ASN C 93 0.17 -14.83 -22.04
CA ASN C 93 -0.08 -14.22 -23.35
C ASN C 93 -1.35 -13.37 -23.37
N GLY C 94 -1.97 -13.15 -22.22
CA GLY C 94 -3.11 -12.25 -22.18
C GLY C 94 -4.43 -12.85 -22.59
N LYS C 95 -4.58 -14.17 -22.51
CA LYS C 95 -5.89 -14.78 -22.74
C LYS C 95 -6.87 -14.29 -21.69
N GLU C 96 -8.10 -14.01 -22.13
CA GLU C 96 -9.16 -13.55 -21.24
C GLU C 96 -10.06 -14.73 -20.86
N TYR C 97 -10.37 -14.83 -19.57
CA TYR C 97 -11.18 -15.92 -19.04
C TYR C 97 -12.48 -15.34 -18.50
N LYS C 98 -13.60 -15.83 -19.04
CA LYS C 98 -14.92 -15.37 -18.64
C LYS C 98 -15.61 -16.45 -17.84
N CYS C 99 -16.10 -16.10 -16.65
CA CYS C 99 -16.92 -16.98 -15.84
C CYS C 99 -18.35 -16.45 -15.86
N LYS C 100 -19.29 -17.30 -16.26
CA LYS C 100 -20.70 -16.95 -16.35
C LYS C 100 -21.47 -17.74 -15.31
N VAL C 101 -22.14 -17.04 -14.40
CA VAL C 101 -22.77 -17.64 -13.24
C VAL C 101 -24.29 -17.55 -13.39
N SER C 102 -24.96 -18.68 -13.27
CA SER C 102 -26.42 -18.74 -13.27
C SER C 102 -26.91 -19.28 -11.94
N ASN C 103 -28.13 -18.91 -11.58
CA ASN C 103 -28.76 -19.29 -10.32
C ASN C 103 -30.20 -18.81 -10.34
N LYS C 104 -31.12 -19.59 -9.78
CA LYS C 104 -32.53 -19.23 -9.84
C LYS C 104 -32.81 -17.86 -9.22
N ALA C 105 -31.94 -17.38 -8.34
CA ALA C 105 -32.09 -16.08 -7.71
C ALA C 105 -31.50 -14.94 -8.54
N LEU C 106 -31.20 -15.18 -9.81
CA LEU C 106 -30.67 -14.15 -10.69
C LEU C 106 -31.56 -14.02 -11.92
N PRO C 107 -32.13 -12.85 -12.19
CA PRO C 107 -32.94 -12.70 -13.42
C PRO C 107 -32.13 -12.97 -14.68
N ALA C 108 -30.91 -12.45 -14.75
CA ALA C 108 -29.99 -12.74 -15.83
C ALA C 108 -28.66 -13.20 -15.25
N PRO C 109 -27.93 -14.05 -15.96
CA PRO C 109 -26.65 -14.55 -15.43
C PRO C 109 -25.65 -13.41 -15.21
N ILE C 110 -24.79 -13.60 -14.22
CA ILE C 110 -23.69 -12.68 -13.95
C ILE C 110 -22.46 -13.20 -14.69
N GLU C 111 -21.75 -12.29 -15.37
CA GLU C 111 -20.55 -12.64 -16.10
C GLU C 111 -19.41 -11.72 -15.68
N LYS C 112 -18.24 -12.31 -15.42
CA LYS C 112 -17.04 -11.57 -15.10
C LYS C 112 -15.91 -12.05 -16.01
N THR C 113 -15.06 -11.12 -16.44
CA THR C 113 -13.97 -11.40 -17.35
C THR C 113 -12.71 -10.73 -16.82
N ILE C 114 -11.69 -11.53 -16.52
CA ILE C 114 -10.41 -11.02 -16.07
C ILE C 114 -9.30 -11.66 -16.91
N SER C 115 -8.12 -11.06 -16.83
CA SER C 115 -6.95 -11.49 -17.59
C SER C 115 -5.73 -10.82 -16.97
N LYS C 116 -4.56 -11.12 -17.53
CA LYS C 116 -3.34 -10.48 -17.07
C LYS C 116 -3.39 -8.98 -17.35
N ALA C 117 -2.66 -8.22 -16.54
CA ALA C 117 -2.59 -6.78 -16.72
C ALA C 117 -2.05 -6.45 -18.11
N LYS C 118 -2.82 -5.67 -18.86
CA LYS C 118 -2.43 -5.29 -20.21
C LYS C 118 -1.36 -4.20 -20.16
N GLY C 119 -0.45 -4.23 -21.13
CA GLY C 119 0.66 -3.30 -21.17
C GLY C 119 1.94 -4.06 -21.39
N GLN C 120 2.91 -3.40 -22.03
CA GLN C 120 4.18 -4.03 -22.35
C GLN C 120 4.93 -4.41 -21.08
N PRO C 121 5.26 -5.68 -20.89
CA PRO C 121 6.02 -6.07 -19.69
C PRO C 121 7.43 -5.47 -19.72
N ARG C 122 7.88 -5.00 -18.56
CA ARG C 122 9.17 -4.36 -18.41
C ARG C 122 9.99 -5.07 -17.34
N GLU C 123 11.26 -5.28 -17.64
CA GLU C 123 12.12 -6.09 -16.79
C GLU C 123 12.46 -5.34 -15.51
N PRO C 124 12.38 -5.98 -14.34
CA PRO C 124 12.79 -5.30 -13.10
C PRO C 124 14.29 -5.14 -13.02
N GLN C 125 14.72 -4.03 -12.44
CA GLN C 125 16.11 -3.82 -12.07
C GLN C 125 16.22 -4.01 -10.57
N VAL C 126 17.05 -4.96 -10.16
CA VAL C 126 17.18 -5.35 -8.76
C VAL C 126 18.51 -4.81 -8.25
N TYR C 127 18.46 -3.96 -7.24
CA TYR C 127 19.65 -3.38 -6.62
C TYR C 127 19.64 -3.70 -5.13
N THR C 128 20.80 -4.10 -4.61
CA THR C 128 20.99 -4.35 -3.20
C THR C 128 21.63 -3.12 -2.55
N LEU C 129 21.04 -2.65 -1.47
CA LEU C 129 21.53 -1.48 -0.75
C LEU C 129 21.96 -1.90 0.65
N PRO C 130 23.24 -1.72 1.02
CA PRO C 130 23.68 -2.11 2.36
C PRO C 130 23.10 -1.19 3.41
N PRO C 131 23.19 -1.55 4.69
CA PRO C 131 22.73 -0.64 5.74
C PRO C 131 23.63 0.59 5.83
N SER C 132 23.03 1.73 6.16
CA SER C 132 23.79 2.95 6.27
C SER C 132 24.68 2.90 7.52
N ARG C 133 25.69 3.77 7.54
CA ARG C 133 26.59 3.83 8.68
C ARG C 133 25.85 4.15 9.97
N GLU C 134 24.81 5.00 9.87
CA GLU C 134 24.11 5.44 11.07
C GLU C 134 23.36 4.30 11.76
N GLU C 135 23.04 3.24 11.03
CA GLU C 135 22.32 2.11 11.62
C GLU C 135 23.26 1.11 12.30
N MET C 136 24.58 1.27 12.15
CA MET C 136 25.51 0.31 12.77
C MET C 136 25.54 0.42 14.28
N THR C 137 24.81 1.34 14.88
CA THR C 137 24.74 1.48 16.33
C THR C 137 23.61 0.69 16.95
N LYS C 138 22.77 0.04 16.15
CA LYS C 138 21.59 -0.66 16.63
C LYS C 138 21.87 -2.15 16.80
N ASN C 139 20.91 -2.84 17.42
CA ASN C 139 21.02 -4.28 17.60
C ASN C 139 20.90 -5.02 16.27
N GLN C 140 20.07 -4.51 15.36
CA GLN C 140 19.81 -5.17 14.09
C GLN C 140 19.80 -4.14 12.97
N VAL C 141 20.64 -4.38 11.96
CA VAL C 141 20.73 -3.47 10.81
C VAL C 141 19.74 -3.92 9.74
N SER C 142 19.60 -3.12 8.69
CA SER C 142 18.58 -3.35 7.67
C SER C 142 19.24 -3.56 6.32
N LEU C 143 18.87 -4.65 5.66
CA LEU C 143 19.31 -4.93 4.29
C LEU C 143 18.19 -4.56 3.33
N THR C 144 18.52 -3.79 2.30
CA THR C 144 17.52 -3.24 1.39
C THR C 144 17.67 -3.84 0.01
N CYS C 145 16.54 -4.19 -0.60
CA CYS C 145 16.48 -4.62 -1.99
C CYS C 145 15.56 -3.68 -2.75
N LEU C 146 16.11 -2.93 -3.69
CA LEU C 146 15.32 -2.02 -4.53
C LEU C 146 15.03 -2.72 -5.86
N VAL C 147 13.75 -2.98 -6.10
CA VAL C 147 13.27 -3.54 -7.35
C VAL C 147 12.44 -2.46 -8.02
N LYS C 148 12.88 -1.99 -9.18
CA LYS C 148 12.23 -0.87 -9.84
C LYS C 148 12.12 -1.11 -11.33
N GLY C 149 11.23 -0.36 -11.97
CA GLY C 149 11.10 -0.39 -13.41
C GLY C 149 10.43 -1.62 -13.98
N PHE C 150 9.55 -2.27 -13.21
CA PHE C 150 8.91 -3.50 -13.66
C PHE C 150 7.44 -3.27 -13.94
N TYR C 151 6.92 -4.03 -14.92
CA TYR C 151 5.53 -4.06 -15.31
C TYR C 151 5.26 -5.44 -15.87
N PRO C 152 4.10 -6.06 -15.57
CA PRO C 152 3.06 -5.58 -14.66
C PRO C 152 3.48 -5.65 -13.19
N SER C 153 2.57 -5.28 -12.28
CA SER C 153 2.95 -5.15 -10.88
C SER C 153 3.13 -6.49 -10.18
N ASP C 154 2.60 -7.57 -10.74
CA ASP C 154 2.73 -8.89 -10.12
C ASP C 154 4.19 -9.26 -9.97
N ILE C 155 4.58 -9.62 -8.74
CA ILE C 155 5.98 -9.87 -8.43
C ILE C 155 6.06 -10.63 -7.12
N ALA C 156 7.22 -11.22 -6.84
CA ALA C 156 7.45 -11.95 -5.60
C ALA C 156 8.91 -11.76 -5.19
N VAL C 157 9.12 -11.51 -3.90
CA VAL C 157 10.43 -11.17 -3.36
C VAL C 157 10.65 -11.97 -2.08
N GLU C 158 11.86 -12.51 -1.92
CA GLU C 158 12.26 -13.11 -0.65
C GLU C 158 13.78 -13.07 -0.54
N TRP C 159 14.26 -13.39 0.65
CA TRP C 159 15.68 -13.35 0.97
C TRP C 159 16.18 -14.73 1.36
N GLU C 160 17.48 -14.95 1.15
CA GLU C 160 18.13 -16.18 1.56
C GLU C 160 19.61 -15.88 1.79
N SER C 161 20.20 -16.62 2.73
CA SER C 161 21.60 -16.44 3.07
C SER C 161 22.29 -17.79 3.14
N ASN C 162 23.39 -17.92 2.41
CA ASN C 162 24.25 -19.10 2.44
C ASN C 162 23.42 -20.39 2.33
N GLY C 163 22.54 -20.42 1.33
CA GLY C 163 21.77 -21.60 0.99
C GLY C 163 20.38 -21.66 1.60
N GLN C 164 20.19 -21.05 2.77
CA GLN C 164 18.91 -21.21 3.45
C GLN C 164 18.11 -19.91 3.44
N PRO C 165 16.78 -19.99 3.40
CA PRO C 165 15.97 -18.77 3.31
C PRO C 165 15.97 -17.99 4.62
N GLU C 166 15.65 -16.70 4.48
CA GLU C 166 15.54 -15.78 5.60
C GLU C 166 14.08 -15.39 5.82
N ASN C 167 13.65 -15.39 7.07
CA ASN C 167 12.26 -15.14 7.42
C ASN C 167 11.99 -13.71 7.86
N ASN C 168 12.97 -13.03 8.46
CA ASN C 168 12.74 -11.75 9.12
C ASN C 168 12.87 -10.61 8.10
N TYR C 169 11.89 -10.53 7.20
CA TYR C 169 11.87 -9.48 6.19
C TYR C 169 10.45 -9.03 5.92
N LYS C 170 10.34 -7.79 5.45
CA LYS C 170 9.07 -7.19 5.03
C LYS C 170 9.27 -6.55 3.66
N THR C 171 8.20 -6.49 2.88
CA THR C 171 8.26 -5.94 1.52
C THR C 171 7.08 -5.01 1.32
N THR C 172 7.36 -3.79 0.88
CA THR C 172 6.30 -2.84 0.59
C THR C 172 5.48 -3.32 -0.60
N PRO C 173 4.22 -2.91 -0.70
CA PRO C 173 3.44 -3.18 -1.91
C PRO C 173 4.01 -2.41 -3.08
N PRO C 174 3.73 -2.83 -4.31
CA PRO C 174 4.24 -2.10 -5.47
C PRO C 174 3.65 -0.70 -5.54
N VAL C 175 4.48 0.24 -5.97
CA VAL C 175 4.10 1.64 -6.09
C VAL C 175 4.29 2.06 -7.54
N LEU C 176 3.28 2.71 -8.11
CA LEU C 176 3.34 3.16 -9.49
C LEU C 176 4.32 4.32 -9.62
N ASP C 177 5.33 4.15 -10.45
CA ASP C 177 6.35 5.17 -10.64
C ASP C 177 5.90 6.17 -11.70
N SER C 178 6.66 7.26 -11.83
CA SER C 178 6.28 8.33 -12.75
C SER C 178 6.43 7.94 -14.21
N ASP C 179 7.20 6.89 -14.51
CA ASP C 179 7.36 6.43 -15.88
C ASP C 179 6.38 5.32 -16.25
N GLY C 180 5.37 5.08 -15.42
CA GLY C 180 4.38 4.06 -15.71
C GLY C 180 4.77 2.65 -15.31
N SER C 181 5.93 2.46 -14.70
CA SER C 181 6.32 1.16 -14.17
C SER C 181 6.10 1.12 -12.67
N PHE C 182 6.48 0.00 -12.05
CA PHE C 182 6.34 -0.18 -10.62
C PHE C 182 7.70 -0.37 -9.96
N PHE C 183 7.79 0.05 -8.70
CA PHE C 183 8.95 -0.19 -7.88
C PHE C 183 8.49 -0.59 -6.50
N LEU C 184 9.37 -1.29 -5.78
CA LEU C 184 9.11 -1.61 -4.38
C LEU C 184 10.44 -1.74 -3.65
N TYR C 185 10.34 -1.91 -2.34
CA TYR C 185 11.49 -2.21 -1.50
C TYR C 185 11.17 -3.42 -0.63
N SER C 186 12.19 -4.20 -0.33
CA SER C 186 12.12 -5.27 0.66
C SER C 186 13.20 -5.00 1.70
N LYS C 187 12.82 -5.10 2.97
CA LYS C 187 13.73 -4.82 4.08
C LYS C 187 13.95 -6.11 4.87
N LEU C 188 15.16 -6.66 4.76
CA LEU C 188 15.56 -7.81 5.56
C LEU C 188 16.24 -7.30 6.82
N THR C 189 15.69 -7.63 7.99
CA THR C 189 16.26 -7.25 9.27
C THR C 189 17.03 -8.45 9.83
N VAL C 190 18.33 -8.25 10.09
CA VAL C 190 19.20 -9.29 10.61
C VAL C 190 19.95 -8.75 11.82
N ASP C 191 20.37 -9.67 12.69
CA ASP C 191 21.21 -9.27 13.81
C ASP C 191 22.52 -8.68 13.30
N LYS C 192 22.94 -7.57 13.90
CA LYS C 192 24.10 -6.84 13.42
C LYS C 192 25.34 -7.73 13.36
N SER C 193 25.47 -8.68 14.29
CA SER C 193 26.62 -9.58 14.27
C SER C 193 26.68 -10.37 12.97
N ARG C 194 25.53 -10.87 12.51
CA ARG C 194 25.52 -11.67 11.29
C ARG C 194 26.05 -10.88 10.09
N TRP C 195 25.65 -9.61 9.98
CA TRP C 195 26.12 -8.80 8.87
C TRP C 195 27.62 -8.55 8.95
N GLN C 196 28.12 -8.25 10.15
CA GLN C 196 29.54 -7.97 10.31
C GLN C 196 30.42 -9.20 10.13
N GLN C 197 29.85 -10.40 10.23
CA GLN C 197 30.64 -11.61 9.99
C GLN C 197 31.04 -11.73 8.52
N GLY C 198 30.28 -11.14 7.61
CA GLY C 198 30.59 -11.19 6.20
C GLY C 198 29.76 -12.17 5.40
N ASN C 199 28.71 -12.74 5.97
CA ASN C 199 27.87 -13.68 5.23
C ASN C 199 27.14 -12.97 4.11
N VAL C 200 27.00 -13.65 2.98
CA VAL C 200 26.34 -13.09 1.81
C VAL C 200 24.84 -13.32 1.94
N PHE C 201 24.08 -12.24 1.81
CA PHE C 201 22.63 -12.30 1.77
C PHE C 201 22.15 -12.05 0.34
N SER C 202 21.04 -12.69 -0.02
CA SER C 202 20.56 -12.66 -1.39
C SER C 202 19.09 -12.22 -1.45
N CYS C 203 18.80 -11.35 -2.40
CA CYS C 203 17.44 -10.92 -2.68
C CYS C 203 16.96 -11.63 -3.95
N SER C 204 15.94 -12.46 -3.81
CA SER C 204 15.42 -13.25 -4.92
C SER C 204 14.11 -12.64 -5.41
N VAL C 205 14.05 -12.33 -6.70
CA VAL C 205 12.91 -11.63 -7.30
C VAL C 205 12.33 -12.51 -8.41
N MET C 206 11.00 -12.62 -8.42
CA MET C 206 10.28 -13.38 -9.45
C MET C 206 9.37 -12.43 -10.21
N HIS C 207 9.48 -12.43 -11.54
CA HIS C 207 8.71 -11.53 -12.38
C HIS C 207 8.74 -12.05 -13.80
N GLU C 208 7.62 -11.90 -14.52
CA GLU C 208 7.50 -12.52 -15.84
C GLU C 208 8.51 -11.95 -16.83
N ALA C 209 8.90 -10.70 -16.66
CA ALA C 209 9.81 -10.06 -17.62
C ALA C 209 11.27 -10.41 -17.37
N LEU C 210 11.61 -11.00 -16.23
CA LEU C 210 12.98 -11.46 -16.00
C LEU C 210 13.25 -12.72 -16.81
N HIS C 211 14.54 -12.92 -17.13
CA HIS C 211 14.95 -14.11 -17.86
C HIS C 211 14.64 -15.35 -17.01
N ASN C 212 13.85 -16.26 -17.58
CA ASN C 212 13.35 -17.44 -16.87
C ASN C 212 12.62 -17.08 -15.59
N HIS C 213 12.07 -15.86 -15.53
CA HIS C 213 11.21 -15.39 -14.45
C HIS C 213 11.94 -15.26 -13.12
N TYR C 214 13.27 -15.21 -13.12
CA TYR C 214 13.99 -15.23 -11.85
C TYR C 214 15.28 -14.43 -11.97
N THR C 215 15.67 -13.80 -10.85
CA THR C 215 16.98 -13.21 -10.71
C THR C 215 17.32 -13.14 -9.23
N GLN C 216 18.61 -13.00 -8.95
CA GLN C 216 19.09 -13.08 -7.58
C GLN C 216 20.27 -12.14 -7.42
N LYS C 217 20.21 -11.26 -6.43
CA LYS C 217 21.24 -10.27 -6.18
C LYS C 217 21.80 -10.45 -4.78
N SER C 218 23.11 -10.36 -4.65
CA SER C 218 23.84 -10.66 -3.42
C SER C 218 24.24 -9.39 -2.70
N LEU C 219 24.53 -9.53 -1.41
CA LEU C 219 24.87 -8.38 -0.58
C LEU C 219 25.69 -8.85 0.63
N SER C 220 26.90 -8.32 0.76
CA SER C 220 27.74 -8.56 1.93
C SER C 220 28.87 -7.55 1.97
N LEU C 221 29.99 -7.91 2.62
CA LEU C 221 31.16 -7.04 2.72
C LEU C 221 31.57 -6.45 1.37
N ASP D 1 18.81 -22.67 -21.16
CA ASP D 1 19.19 -22.02 -19.91
C ASP D 1 18.02 -21.99 -18.94
N CYS D 2 18.18 -22.74 -17.84
CA CYS D 2 17.16 -22.89 -16.81
C CYS D 2 17.50 -22.06 -15.58
N ALA D 3 16.47 -21.60 -14.87
CA ALA D 3 16.62 -20.93 -13.60
C ALA D 3 16.11 -21.82 -12.47
N TRP D 4 16.83 -21.80 -11.36
CA TRP D 4 16.46 -22.55 -10.17
C TRP D 4 16.47 -21.61 -8.97
N HIS D 5 15.49 -21.78 -8.08
CA HIS D 5 15.39 -20.99 -6.86
C HIS D 5 15.17 -21.94 -5.69
N LEU D 6 16.20 -22.13 -4.87
CA LEU D 6 16.15 -23.04 -3.73
C LEU D 6 15.82 -24.47 -4.15
N GLY D 7 16.16 -24.84 -5.38
CA GLY D 7 16.01 -26.20 -5.86
C GLY D 7 14.75 -26.52 -6.61
N GLU D 8 13.93 -25.54 -6.93
CA GLU D 8 12.69 -25.75 -7.67
C GLU D 8 12.84 -25.24 -9.10
N LEU D 9 12.42 -26.06 -10.07
CA LEU D 9 12.46 -25.65 -11.47
C LEU D 9 11.57 -24.43 -11.69
N TRP D 11 11.95 -21.92 -14.51
CA TRP D 11 11.62 -21.75 -15.91
C TRP D 11 12.84 -22.02 -16.77
N CYS D 12 12.61 -22.36 -18.04
CA CYS D 12 13.68 -22.58 -18.99
C CYS D 12 13.30 -21.96 -20.32
N THR D 13 14.31 -21.47 -21.04
CA THR D 13 14.09 -20.86 -22.34
C THR D 13 13.62 -21.89 -23.36
#